data_4XVE
#
_entry.id   4XVE
#
_cell.length_a   55.269
_cell.length_b   62.554
_cell.length_c   95.655
_cell.angle_alpha   90.00
_cell.angle_beta   90.00
_cell.angle_gamma   90.00
#
_symmetry.space_group_name_H-M   'P 21 21 21'
#
loop_
_entity.id
_entity.type
_entity.pdbx_description
1 polymer 'Aldo-keto reductase family 1 member C3'
2 non-polymer 'NADP NICOTINAMIDE-ADENINE-DINUCLEOTIDE PHOSPHATE'
3 non-polymer 3-pentyl-2-[(pyridin-2-ylmethyl)sulfanyl]-7-(pyrrolidin-1-ylcarbonyl)quinazolin-4(3H)-one
4 water water
#
_entity_poly.entity_id   1
_entity_poly.type   'polypeptide(L)'
_entity_poly.pdbx_seq_one_letter_code
;MDSKHQCVKLNDGHFMPVLGFGTYAPPEVPRSKALEVTKLAIEAGFRHIDSAHLYNNEEQVGLAIRSKIADGSVKREDIF
YTSKLWSTFHRPELVRPALENSLKKAQLDYVDLYLIHSPMSLKPGEELSPTDENGKVIFDIVDLCTTWEAMEKCKDAGLA
KSIGVSNFNRRQLEMILNKPGLKYKPVCNQVECHPYFNRSKLLDFCKSKDIVLVAYSALGSQRDKRWVDPNSPVLLEDPV
LCALAKKHKRTPALIALRYQLQRGVVVLAKSYNEQRIRQNVQVFEFQLTAEDMKAIDGLDRNLHYFNSDSFASHPNYPYS
DEYLEHHHHHH
;
_entity_poly.pdbx_strand_id   A
#
loop_
_chem_comp.id
_chem_comp.type
_chem_comp.name
_chem_comp.formula
NAP non-polymer 'NADP NICOTINAMIDE-ADENINE-DINUCLEOTIDE PHOSPHATE' 'C21 H28 N7 O17 P3'
WDS non-polymer 3-pentyl-2-[(pyridin-2-ylmethyl)sulfanyl]-7-(pyrrolidin-1-ylcarbonyl)quinazolin-4(3H)-one 'C24 H28 N4 O2 S'
#
# COMPACT_ATOMS: atom_id res chain seq x y z
N GLN A 6 -5.72 8.51 -14.96
CA GLN A 6 -4.59 9.32 -14.51
C GLN A 6 -4.53 9.42 -12.99
N CYS A 7 -5.07 10.51 -12.39
CA CYS A 7 -4.88 10.72 -10.91
C CYS A 7 -6.21 10.93 -10.27
N VAL A 8 -6.30 10.81 -8.95
CA VAL A 8 -7.50 11.15 -8.19
C VAL A 8 -7.04 12.25 -7.23
N LYS A 9 -7.92 13.26 -7.06
CA LYS A 9 -7.67 14.36 -6.11
C LYS A 9 -7.98 13.94 -4.71
N LEU A 10 -6.94 14.08 -3.85
CA LEU A 10 -7.11 13.73 -2.46
C LEU A 10 -7.74 14.86 -1.68
N ASN A 11 -8.08 14.54 -0.44
CA ASN A 11 -8.93 15.43 0.42
C ASN A 11 -8.10 16.63 0.92
N ASP A 12 -6.77 16.61 0.68
CA ASP A 12 -5.94 17.79 1.00
C ASP A 12 -5.50 18.56 -0.21
N GLY A 13 -6.10 18.21 -1.36
CA GLY A 13 -5.80 18.92 -2.58
C GLY A 13 -4.64 18.45 -3.44
N HIS A 14 -3.86 17.50 -2.92
CA HIS A 14 -2.89 16.84 -3.74
C HIS A 14 -3.48 15.76 -4.63
N PHE A 15 -2.68 15.27 -5.55
CA PHE A 15 -3.12 14.30 -6.63
C PHE A 15 -2.35 13.00 -6.52
N MET A 16 -3.09 11.87 -6.57
CA MET A 16 -2.49 10.52 -6.48
C MET A 16 -2.73 9.76 -7.81
N PRO A 17 -1.67 9.30 -8.46
CA PRO A 17 -1.92 8.46 -9.64
C PRO A 17 -2.65 7.19 -9.21
N VAL A 18 -3.60 6.73 -10.06
CA VAL A 18 -4.49 5.67 -9.59
C VAL A 18 -3.88 4.23 -9.78
N LEU A 19 -2.76 4.11 -10.49
CA LEU A 19 -2.02 2.88 -10.55
C LEU A 19 -0.69 3.10 -9.92
N GLY A 20 -0.36 2.28 -8.93
CA GLY A 20 0.96 2.39 -8.33
C GLY A 20 1.77 1.10 -8.40
N PHE A 21 3.08 1.29 -8.35
CA PHE A 21 4.04 0.14 -8.43
C PHE A 21 4.44 -0.31 -7.04
N GLY A 22 4.20 -1.57 -6.81
CA GLY A 22 4.58 -2.20 -5.49
C GLY A 22 6.05 -2.62 -5.53
N THR A 23 6.80 -2.16 -4.53
CA THR A 23 8.28 -2.44 -4.56
C THR A 23 8.73 -3.50 -3.59
N TYR A 24 7.88 -4.07 -2.73
CA TYR A 24 8.41 -5.05 -1.82
C TYR A 24 8.80 -6.34 -2.57
N ALA A 25 9.96 -6.88 -2.17
CA ALA A 25 10.38 -8.28 -2.58
C ALA A 25 11.00 -8.91 -1.35
N PRO A 26 10.89 -10.23 -1.23
CA PRO A 26 11.30 -10.90 -0.01
C PRO A 26 12.83 -10.91 0.05
N PRO A 27 13.37 -11.14 1.27
CA PRO A 27 14.88 -11.14 1.50
C PRO A 27 15.72 -11.98 0.57
N GLU A 28 15.18 -13.02 -0.03
CA GLU A 28 15.93 -13.81 -1.01
C GLU A 28 16.21 -13.12 -2.34
N VAL A 29 15.62 -11.93 -2.55
CA VAL A 29 15.76 -11.26 -3.83
C VAL A 29 16.82 -10.24 -3.52
N PRO A 30 17.89 -10.29 -4.31
CA PRO A 30 18.97 -9.30 -4.06
C PRO A 30 18.41 -7.89 -4.03
N ARG A 31 18.91 -7.14 -3.04
CA ARG A 31 18.61 -5.71 -2.94
C ARG A 31 18.72 -4.89 -4.23
N SER A 32 19.71 -5.16 -5.10
CA SER A 32 19.91 -4.38 -6.28
C SER A 32 18.75 -4.51 -7.27
N LYS A 33 17.93 -5.55 -7.12
CA LYS A 33 16.88 -5.77 -8.09
C LYS A 33 15.84 -4.64 -7.96
N ALA A 34 15.65 -4.13 -6.76
CA ALA A 34 14.66 -3.03 -6.60
C ALA A 34 15.03 -1.80 -7.43
N LEU A 35 16.36 -1.51 -7.57
CA LEU A 35 16.81 -0.36 -8.39
C LEU A 35 16.37 -0.59 -9.86
N GLU A 36 16.66 -1.79 -10.37
CA GLU A 36 16.39 -2.10 -11.77
C GLU A 36 14.89 -2.06 -12.09
N VAL A 37 14.12 -2.71 -11.22
CA VAL A 37 12.72 -2.86 -11.55
C VAL A 37 11.90 -1.56 -11.39
N THR A 38 12.32 -0.71 -10.43
CA THR A 38 11.67 0.58 -10.29
C THR A 38 11.98 1.49 -11.48
N LYS A 39 13.23 1.46 -11.98
CA LYS A 39 13.50 2.14 -13.23
C LYS A 39 12.62 1.56 -14.37
N LEU A 40 12.51 0.25 -14.47
CA LEU A 40 11.65 -0.34 -15.50
C LEU A 40 10.20 0.12 -15.30
N ALA A 41 9.73 0.16 -14.02
CA ALA A 41 8.36 0.63 -13.83
C ALA A 41 8.12 2.04 -14.31
N ILE A 42 9.05 2.95 -13.99
CA ILE A 42 8.92 4.31 -14.48
C ILE A 42 8.94 4.40 -16.01
N GLU A 43 9.85 3.63 -16.61
CA GLU A 43 9.95 3.51 -18.12
C GLU A 43 8.64 3.01 -18.69
N ALA A 44 7.93 2.13 -17.98
CA ALA A 44 6.68 1.57 -18.49
C ALA A 44 5.53 2.55 -18.33
N GLY A 45 5.64 3.56 -17.41
CA GLY A 45 4.56 4.48 -17.29
C GLY A 45 4.00 4.58 -15.87
N PHE A 46 4.57 3.82 -14.94
CA PHE A 46 4.18 4.01 -13.55
C PHE A 46 4.70 5.35 -13.05
N ARG A 47 3.82 6.05 -12.31
CA ARG A 47 4.26 7.34 -11.70
C ARG A 47 3.98 7.39 -10.19
N HIS A 48 3.45 6.33 -9.64
CA HIS A 48 3.18 6.21 -8.20
C HIS A 48 3.98 4.99 -7.77
N ILE A 49 4.77 5.17 -6.73
CA ILE A 49 5.75 4.12 -6.36
C ILE A 49 5.63 3.91 -4.88
N ASP A 50 5.31 2.67 -4.44
CA ASP A 50 5.03 2.43 -3.02
C ASP A 50 6.17 1.69 -2.34
N SER A 51 6.76 2.31 -1.29
CA SER A 51 7.84 1.66 -0.49
C SER A 51 7.49 1.74 0.98
N ALA A 52 8.50 1.44 1.84
CA ALA A 52 8.27 1.46 3.28
C ALA A 52 9.61 1.27 3.91
N HIS A 53 9.73 1.69 5.16
CA HIS A 53 10.95 1.36 5.95
C HIS A 53 11.09 -0.15 6.11
N LEU A 54 9.95 -0.86 6.26
CA LEU A 54 9.98 -2.33 6.37
C LEU A 54 10.71 -3.03 5.24
N TYR A 55 10.61 -2.44 4.06
CA TYR A 55 11.02 -3.19 2.85
C TYR A 55 12.52 -3.24 2.59
N ASN A 56 13.31 -2.53 3.37
CA ASN A 56 14.75 -2.56 3.21
C ASN A 56 15.11 -2.33 1.76
N ASN A 57 14.53 -1.26 1.18
CA ASN A 57 14.73 -0.93 -0.20
C ASN A 57 14.61 0.54 -0.54
N GLU A 58 14.44 1.41 0.47
CA GLU A 58 14.22 2.83 0.13
C GLU A 58 15.46 3.45 -0.56
N GLU A 59 16.67 2.96 -0.22
CA GLU A 59 17.84 3.56 -0.89
C GLU A 59 17.79 3.18 -2.38
N GLN A 60 17.46 1.92 -2.69
CA GLN A 60 17.41 1.49 -4.08
C GLN A 60 16.26 2.14 -4.87
N VAL A 61 15.05 2.20 -4.24
CA VAL A 61 13.98 2.86 -4.89
C VAL A 61 14.20 4.37 -5.10
N GLY A 62 14.73 5.03 -4.10
CA GLY A 62 14.97 6.44 -4.22
C GLY A 62 16.04 6.67 -5.31
N LEU A 63 17.04 5.80 -5.41
CA LEU A 63 18.05 5.93 -6.53
C LEU A 63 17.41 5.78 -7.91
N ALA A 64 16.44 4.86 -8.02
CA ALA A 64 15.81 4.67 -9.31
C ALA A 64 15.08 5.95 -9.66
N ILE A 65 14.35 6.54 -8.70
CA ILE A 65 13.61 7.78 -8.95
C ILE A 65 14.61 8.89 -9.35
N ARG A 66 15.70 8.99 -8.59
CA ARG A 66 16.71 10.04 -8.88
C ARG A 66 17.36 9.84 -10.22
N SER A 67 17.59 8.61 -10.60
CA SER A 67 18.20 8.23 -11.95
C SER A 67 17.30 8.64 -13.08
N LYS A 68 15.99 8.47 -12.93
CA LYS A 68 15.03 8.80 -13.99
C LYS A 68 14.79 10.30 -14.05
N ILE A 69 15.02 10.99 -12.95
CA ILE A 69 15.01 12.45 -12.98
C ILE A 69 16.30 12.86 -13.67
N ALA A 70 17.40 12.26 -13.30
CA ALA A 70 18.70 12.81 -13.82
C ALA A 70 18.79 12.60 -15.34
N ASP A 71 18.25 11.51 -15.85
CA ASP A 71 18.38 11.23 -17.27
C ASP A 71 17.30 11.95 -18.08
N GLY A 72 16.49 12.79 -17.42
CA GLY A 72 15.48 13.56 -18.15
C GLY A 72 14.14 12.94 -18.36
N SER A 73 13.92 11.73 -17.85
CA SER A 73 12.68 10.99 -18.14
C SER A 73 11.47 11.53 -17.41
N VAL A 74 11.67 11.90 -16.14
CA VAL A 74 10.61 12.49 -15.41
C VAL A 74 11.16 13.65 -14.53
N LYS A 75 10.25 14.49 -14.04
CA LYS A 75 10.54 15.46 -13.00
C LYS A 75 10.08 14.89 -11.69
N ARG A 76 10.64 15.44 -10.63
CA ARG A 76 10.21 14.99 -9.32
C ARG A 76 8.72 15.22 -9.11
N GLU A 77 8.17 16.35 -9.54
CA GLU A 77 6.72 16.60 -9.36
C GLU A 77 5.81 15.63 -10.18
N ASP A 78 6.37 14.79 -11.09
CA ASP A 78 5.55 13.87 -11.87
C ASP A 78 5.48 12.53 -11.14
N ILE A 79 6.34 12.34 -10.11
CA ILE A 79 6.42 11.07 -9.38
C ILE A 79 5.69 11.21 -8.02
N PHE A 80 4.92 10.16 -7.68
CA PHE A 80 4.23 10.17 -6.41
C PHE A 80 4.88 9.06 -5.58
N TYR A 81 5.67 9.41 -4.55
CA TYR A 81 6.44 8.40 -3.81
C TYR A 81 5.88 8.28 -2.44
N THR A 82 5.57 7.05 -2.05
CA THR A 82 5.03 6.78 -0.68
C THR A 82 6.03 5.99 0.13
N SER A 83 6.15 6.37 1.39
CA SER A 83 6.80 5.46 2.38
C SER A 83 5.91 5.42 3.62
N LYS A 84 6.32 4.58 4.57
CA LYS A 84 5.44 4.26 5.68
C LYS A 84 6.22 4.22 7.00
N LEU A 85 5.54 4.57 8.07
CA LEU A 85 6.07 4.60 9.46
C LEU A 85 5.89 3.18 10.03
N TRP A 86 7.04 2.56 10.33
CA TRP A 86 6.95 1.16 10.88
C TRP A 86 6.38 1.17 12.29
N SER A 87 5.92 0.00 12.72
CA SER A 87 5.09 -0.13 13.92
C SER A 87 5.82 -0.02 15.26
N THR A 88 7.14 -0.06 15.18
CA THR A 88 7.96 0.19 16.41
C THR A 88 8.16 1.72 16.56
N PHE A 89 7.59 2.58 15.67
CA PHE A 89 7.78 4.01 15.72
C PHE A 89 6.47 4.79 15.92
N HIS A 90 5.45 4.10 16.48
CA HIS A 90 4.21 4.82 16.70
C HIS A 90 4.22 5.84 17.82
N ARG A 91 5.09 5.66 18.83
CA ARG A 91 5.20 6.72 19.86
C ARG A 91 5.52 8.06 19.20
N PRO A 92 4.78 9.13 19.55
CA PRO A 92 4.82 10.34 18.76
C PRO A 92 6.21 10.93 18.56
N GLU A 93 7.07 10.82 19.57
CA GLU A 93 8.43 11.37 19.46
C GLU A 93 9.31 10.66 18.39
N LEU A 94 8.89 9.47 17.94
CA LEU A 94 9.65 8.69 17.00
C LEU A 94 9.19 8.91 15.57
N VAL A 95 8.04 9.61 15.37
CA VAL A 95 7.44 9.67 14.01
C VAL A 95 8.30 10.57 13.05
N ARG A 96 8.55 11.83 13.41
CA ARG A 96 9.38 12.66 12.58
C ARG A 96 10.77 12.09 12.32
N PRO A 97 11.47 11.54 13.35
CA PRO A 97 12.80 10.94 13.07
C PRO A 97 12.64 9.80 12.09
N ALA A 98 11.59 9.03 12.20
CA ALA A 98 11.43 7.87 11.25
C ALA A 98 11.25 8.41 9.82
N LEU A 99 10.44 9.43 9.65
CA LEU A 99 10.25 10.03 8.30
C LEU A 99 11.59 10.64 7.78
N GLU A 100 12.28 11.32 8.67
CA GLU A 100 13.58 11.89 8.26
C GLU A 100 14.52 10.79 7.83
N ASN A 101 14.50 9.64 8.50
CA ASN A 101 15.38 8.57 8.12
C ASN A 101 15.03 8.02 6.75
N SER A 102 13.70 7.82 6.53
CA SER A 102 13.28 7.42 5.17
C SER A 102 13.67 8.40 4.08
N LEU A 103 13.61 9.72 4.40
CA LEU A 103 13.97 10.75 3.35
C LEU A 103 15.49 10.61 3.09
N LYS A 104 16.26 10.44 4.16
CA LYS A 104 17.72 10.29 4.01
C LYS A 104 18.05 9.07 3.15
N LYS A 105 17.36 7.93 3.42
CA LYS A 105 17.68 6.72 2.68
C LYS A 105 17.35 6.92 1.18
N ALA A 106 16.17 7.52 0.91
CA ALA A 106 15.73 7.68 -0.50
C ALA A 106 16.47 8.80 -1.23
N GLN A 107 17.15 9.61 -0.42
CA GLN A 107 17.81 10.91 -0.87
C GLN A 107 16.80 11.82 -1.51
N LEU A 108 15.62 11.94 -0.91
CA LEU A 108 14.59 12.85 -1.37
C LEU A 108 14.34 13.93 -0.32
N ASP A 109 13.85 15.09 -0.82
CA ASP A 109 13.52 16.22 0.08
C ASP A 109 12.13 16.02 0.72
N TYR A 110 11.20 15.24 0.08
CA TYR A 110 9.88 15.05 0.69
C TYR A 110 9.37 13.74 0.11
N VAL A 111 8.44 13.13 0.85
CA VAL A 111 7.66 12.04 0.24
C VAL A 111 6.28 12.63 -0.14
N ASP A 112 5.68 12.10 -1.21
CA ASP A 112 4.31 12.54 -1.51
C ASP A 112 3.32 12.06 -0.50
N LEU A 113 3.58 10.87 0.10
CA LEU A 113 2.63 10.29 1.05
C LEU A 113 3.37 9.53 2.12
N TYR A 114 3.05 9.83 3.40
CA TYR A 114 3.58 8.97 4.49
C TYR A 114 2.39 8.33 5.21
N LEU A 115 2.50 7.01 5.38
CA LEU A 115 1.40 6.25 5.99
C LEU A 115 1.80 5.69 7.32
N ILE A 116 0.88 5.68 8.30
CA ILE A 116 1.08 4.70 9.40
C ILE A 116 0.94 3.27 8.81
N HIS A 117 1.98 2.46 8.81
CA HIS A 117 1.94 1.19 8.05
C HIS A 117 0.87 0.22 8.56
N SER A 118 0.69 0.22 9.92
CA SER A 118 -0.28 -0.73 10.53
C SER A 118 -0.73 -0.10 11.81
N PRO A 119 -1.96 -0.46 12.24
CA PRO A 119 -2.34 -0.06 13.63
C PRO A 119 -1.73 -0.93 14.74
N MET A 120 -1.03 -1.96 14.38
CA MET A 120 -0.54 -2.97 15.33
C MET A 120 0.81 -2.52 15.89
N SER A 121 0.75 -1.62 16.88
CA SER A 121 1.97 -1.08 17.50
C SER A 121 2.88 -2.14 18.11
N LEU A 122 4.18 -1.98 17.96
CA LEU A 122 5.16 -2.94 18.45
C LEU A 122 6.11 -2.24 19.41
N LYS A 123 6.79 -3.04 20.25
CA LYS A 123 7.73 -2.51 21.22
C LYS A 123 8.71 -1.57 20.53
N PRO A 124 8.92 -0.35 21.06
CA PRO A 124 9.89 0.63 20.46
C PRO A 124 11.27 0.10 20.51
N GLY A 125 11.93 0.35 19.39
CA GLY A 125 13.22 -0.22 19.10
C GLY A 125 13.41 -0.30 17.58
N GLU A 126 14.50 -1.02 17.30
CA GLU A 126 15.20 -1.12 16.03
C GLU A 126 14.88 -2.48 15.45
N GLU A 127 14.72 -3.49 16.32
CA GLU A 127 14.23 -4.81 15.90
C GLU A 127 12.90 -4.61 15.19
N LEU A 128 12.76 -5.04 13.94
CA LEU A 128 11.51 -4.83 13.12
C LEU A 128 10.33 -5.53 13.71
N SER A 129 10.49 -6.81 14.12
CA SER A 129 9.42 -7.59 14.68
C SER A 129 10.01 -8.12 16.04
N PRO A 130 10.00 -7.25 17.08
CA PRO A 130 10.72 -7.61 18.34
C PRO A 130 10.03 -8.83 19.00
N THR A 131 10.85 -9.80 19.44
CA THR A 131 10.36 -11.05 20.07
C THR A 131 11.01 -11.35 21.46
N ASP A 132 10.26 -12.06 22.31
CA ASP A 132 10.64 -12.35 23.70
C ASP A 132 11.53 -13.61 23.79
N GLU A 133 11.23 -14.51 24.75
CA GLU A 133 11.87 -15.85 24.89
C GLU A 133 11.28 -16.90 23.95
N ASN A 134 9.99 -17.22 24.12
CA ASN A 134 9.29 -18.22 23.30
C ASN A 134 9.29 -17.86 21.80
N GLY A 135 9.50 -16.58 21.50
CA GLY A 135 9.49 -16.07 20.13
C GLY A 135 8.24 -15.27 19.82
N LYS A 136 7.35 -15.09 20.81
CA LYS A 136 6.21 -14.16 20.68
C LYS A 136 6.67 -12.71 20.39
N VAL A 137 6.25 -12.14 19.25
CA VAL A 137 6.51 -10.72 18.97
C VAL A 137 5.89 -9.88 20.11
N ILE A 138 6.60 -8.84 20.57
CA ILE A 138 6.17 -8.02 21.70
C ILE A 138 5.38 -6.79 21.25
N PHE A 139 4.15 -6.69 21.72
CA PHE A 139 3.24 -5.66 21.34
C PHE A 139 3.42 -4.39 22.16
N ASP A 140 2.98 -3.23 21.70
CA ASP A 140 2.98 -1.98 22.44
C ASP A 140 1.53 -1.46 22.47
N ILE A 141 1.16 -0.56 23.38
CA ILE A 141 -0.15 0.05 23.46
C ILE A 141 0.06 1.53 23.33
N VAL A 142 -0.28 2.09 22.16
CA VAL A 142 -0.15 3.48 21.87
C VAL A 142 -1.45 4.05 21.37
N ASP A 143 -1.86 5.21 21.86
CA ASP A 143 -3.01 5.86 21.31
C ASP A 143 -2.60 6.40 19.97
N LEU A 144 -3.16 5.76 18.94
CA LEU A 144 -2.86 6.24 17.58
C LEU A 144 -3.25 7.64 17.21
N CYS A 145 -4.18 8.29 17.93
CA CYS A 145 -4.43 9.70 17.71
C CYS A 145 -3.22 10.60 18.04
N THR A 146 -2.36 10.11 19.00
CA THR A 146 -1.12 10.83 19.32
C THR A 146 -0.10 10.62 18.17
N THR A 147 -0.08 9.42 17.61
CA THR A 147 0.78 9.19 16.44
C THR A 147 0.29 10.06 15.30
N TRP A 148 -1.03 10.14 15.13
CA TRP A 148 -1.57 10.96 14.10
C TRP A 148 -1.21 12.42 14.22
N GLU A 149 -1.24 12.93 15.43
CA GLU A 149 -0.81 14.33 15.59
C GLU A 149 0.61 14.55 15.18
N ALA A 150 1.47 13.57 15.50
CA ALA A 150 2.84 13.63 14.99
C ALA A 150 2.95 13.63 13.45
N MET A 151 2.12 12.81 12.79
CA MET A 151 2.08 12.80 11.31
C MET A 151 1.67 14.16 10.76
N GLU A 152 0.67 14.74 11.43
CA GLU A 152 0.17 16.05 11.00
C GLU A 152 1.29 17.08 11.07
N LYS A 153 2.13 17.01 12.10
CA LYS A 153 3.28 17.95 12.15
C LYS A 153 4.25 17.69 11.03
N CYS A 154 4.41 16.40 10.60
CA CYS A 154 5.26 16.14 9.45
C CYS A 154 4.76 16.77 8.14
N LYS A 155 3.42 16.81 7.96
CA LYS A 155 2.83 17.49 6.86
C LYS A 155 3.06 19.01 6.97
N ASP A 156 2.84 19.53 8.20
CA ASP A 156 3.10 20.99 8.39
C ASP A 156 4.55 21.39 8.04
N ALA A 157 5.49 20.52 8.28
CA ALA A 157 6.89 20.78 8.03
C ALA A 157 7.30 20.56 6.62
N GLY A 158 6.41 19.98 5.79
CA GLY A 158 6.72 19.78 4.42
C GLY A 158 7.51 18.49 4.13
N LEU A 159 7.66 17.64 5.15
CA LEU A 159 8.38 16.38 4.92
C LEU A 159 7.51 15.38 4.14
N ALA A 160 6.19 15.53 4.30
CA ALA A 160 5.23 14.63 3.54
C ALA A 160 4.22 15.60 2.95
N LYS A 161 3.94 15.45 1.65
CA LYS A 161 2.89 16.28 1.08
C LYS A 161 1.51 15.90 1.59
N SER A 162 1.27 14.57 1.73
CA SER A 162 0.05 14.03 2.28
C SER A 162 0.38 13.00 3.30
N ILE A 163 -0.60 12.78 4.17
CA ILE A 163 -0.50 11.71 5.21
C ILE A 163 -1.69 10.81 5.17
N GLY A 164 -1.50 9.52 5.51
CA GLY A 164 -2.66 8.65 5.56
C GLY A 164 -2.31 7.46 6.42
N VAL A 165 -3.13 6.44 6.26
CA VAL A 165 -2.96 5.19 7.11
C VAL A 165 -3.01 3.95 6.23
N SER A 166 -2.66 2.84 6.84
CA SER A 166 -2.67 1.54 6.16
C SER A 166 -3.12 0.48 7.17
N ASN A 167 -3.88 -0.48 6.61
CA ASN A 167 -4.35 -1.64 7.46
C ASN A 167 -5.33 -1.20 8.55
N PHE A 168 -5.92 0.00 8.41
CA PHE A 168 -6.90 0.36 9.44
C PHE A 168 -8.25 -0.25 9.05
N ASN A 169 -9.04 -0.61 10.09
CA ASN A 169 -10.44 -0.89 9.88
C ASN A 169 -11.31 0.37 10.08
N ARG A 170 -12.65 0.25 9.88
CA ARG A 170 -13.53 1.42 9.98
C ARG A 170 -13.44 2.04 11.34
N ARG A 171 -13.48 1.24 12.41
CA ARG A 171 -13.47 1.82 13.73
C ARG A 171 -12.16 2.64 13.99
N GLN A 172 -11.00 2.06 13.54
CA GLN A 172 -9.71 2.74 13.81
C GLN A 172 -9.65 4.02 13.03
N LEU A 173 -10.23 4.03 11.83
CA LEU A 173 -10.29 5.29 11.06
C LEU A 173 -11.18 6.27 11.78
N GLU A 174 -12.37 5.80 12.23
CA GLU A 174 -13.26 6.69 12.96
C GLU A 174 -12.62 7.33 14.14
N MET A 175 -11.79 6.59 14.86
CA MET A 175 -11.11 7.16 15.98
C MET A 175 -10.26 8.38 15.56
N ILE A 176 -9.61 8.28 14.40
CA ILE A 176 -8.81 9.41 13.97
C ILE A 176 -9.76 10.52 13.53
N LEU A 177 -10.85 10.17 12.85
CA LEU A 177 -11.64 11.22 12.23
C LEU A 177 -12.44 11.97 13.30
N ASN A 178 -12.65 11.34 14.42
CA ASN A 178 -13.33 12.09 15.49
C ASN A 178 -12.44 12.71 16.50
N LYS A 179 -11.13 12.72 16.25
CA LYS A 179 -10.13 13.25 17.17
C LYS A 179 -10.41 14.74 17.45
N PRO A 180 -10.51 15.08 18.76
CA PRO A 180 -10.53 16.49 19.13
C PRO A 180 -9.36 17.24 18.46
N GLY A 181 -9.62 18.40 17.87
CA GLY A 181 -8.62 19.23 17.21
C GLY A 181 -7.93 18.63 15.97
N LEU A 182 -8.58 17.64 15.38
CA LEU A 182 -8.03 17.07 14.13
C LEU A 182 -7.68 18.14 13.15
N LYS A 183 -6.45 18.08 12.58
CA LYS A 183 -6.08 19.06 11.60
C LYS A 183 -6.21 18.57 10.15
N TYR A 184 -5.69 17.37 9.90
CA TYR A 184 -5.80 16.77 8.56
C TYR A 184 -6.44 15.38 8.62
N LYS A 185 -7.43 15.08 7.76
CA LYS A 185 -7.92 13.69 7.73
C LYS A 185 -6.82 12.87 7.02
N PRO A 186 -6.78 11.58 7.31
CA PRO A 186 -5.97 10.73 6.36
C PRO A 186 -6.49 10.91 4.91
N VAL A 187 -5.55 10.93 3.97
CA VAL A 187 -5.95 11.01 2.53
C VAL A 187 -6.43 9.65 2.06
N CYS A 188 -5.93 8.60 2.70
CA CYS A 188 -6.14 7.25 2.10
C CYS A 188 -6.05 6.22 3.22
N ASN A 189 -6.55 5.00 2.91
CA ASN A 189 -6.30 3.87 3.80
C ASN A 189 -5.91 2.75 2.88
N GLN A 190 -4.60 2.37 2.94
CA GLN A 190 -4.04 1.32 2.04
C GLN A 190 -4.26 -0.05 2.73
N VAL A 191 -5.07 -0.90 2.08
CA VAL A 191 -5.47 -2.17 2.81
C VAL A 191 -5.47 -3.31 1.80
N GLU A 192 -5.49 -4.56 2.36
CA GLU A 192 -5.56 -5.71 1.44
C GLU A 192 -6.89 -5.68 0.75
N CYS A 193 -6.88 -5.85 -0.57
CA CYS A 193 -8.16 -5.69 -1.29
C CYS A 193 -8.00 -6.28 -2.65
N HIS A 194 -8.89 -7.24 -2.96
CA HIS A 194 -8.82 -7.99 -4.22
C HIS A 194 -10.15 -8.73 -4.33
N PRO A 195 -10.43 -9.41 -5.48
CA PRO A 195 -11.75 -10.02 -5.59
C PRO A 195 -12.09 -11.12 -4.60
N TYR A 196 -11.07 -11.69 -3.84
CA TYR A 196 -11.47 -12.57 -2.68
C TYR A 196 -11.68 -11.88 -1.36
N PHE A 197 -11.42 -10.58 -1.31
CA PHE A 197 -11.55 -9.80 -0.07
C PHE A 197 -11.77 -8.37 -0.58
N ASN A 198 -13.00 -8.11 -1.04
CA ASN A 198 -13.19 -6.86 -1.83
C ASN A 198 -13.48 -5.61 -1.00
N ARG A 199 -13.68 -5.80 0.30
CA ARG A 199 -13.74 -4.70 1.28
C ARG A 199 -14.87 -3.74 0.92
N SER A 200 -16.02 -4.19 0.42
CA SER A 200 -17.04 -3.22 -0.04
C SER A 200 -17.57 -2.36 1.09
N LYS A 201 -17.61 -2.90 2.30
CA LYS A 201 -18.22 -2.06 3.44
C LYS A 201 -17.19 -0.94 3.78
N LEU A 202 -15.91 -1.35 3.77
CA LEU A 202 -14.83 -0.36 4.14
C LEU A 202 -14.73 0.70 3.04
N LEU A 203 -14.87 0.23 1.76
CA LEU A 203 -14.80 1.15 0.61
C LEU A 203 -15.98 2.16 0.77
N ASP A 204 -17.17 1.64 1.09
CA ASP A 204 -18.26 2.59 1.25
C ASP A 204 -18.04 3.64 2.34
N PHE A 205 -17.54 3.18 3.48
CA PHE A 205 -17.19 4.08 4.60
C PHE A 205 -16.14 5.08 4.14
N CYS A 206 -15.09 4.63 3.48
CA CYS A 206 -14.07 5.56 2.98
C CYS A 206 -14.63 6.58 2.01
N LYS A 207 -15.44 6.16 1.03
CA LYS A 207 -16.02 7.14 0.07
C LYS A 207 -16.86 8.16 0.85
N SER A 208 -17.52 7.75 1.92
CA SER A 208 -18.42 8.69 2.66
C SER A 208 -17.61 9.72 3.44
N LYS A 209 -16.31 9.43 3.65
CA LYS A 209 -15.39 10.34 4.37
C LYS A 209 -14.36 11.05 3.44
N ASP A 210 -14.46 10.87 2.11
CA ASP A 210 -13.56 11.37 1.13
C ASP A 210 -12.13 10.87 1.50
N ILE A 211 -12.10 9.57 1.75
CA ILE A 211 -10.81 8.91 2.00
C ILE A 211 -10.60 7.91 0.86
N VAL A 212 -9.44 7.93 0.17
CA VAL A 212 -9.22 6.93 -0.94
C VAL A 212 -8.83 5.62 -0.39
N LEU A 213 -9.45 4.52 -0.87
CA LEU A 213 -9.02 3.14 -0.47
C LEU A 213 -7.97 2.78 -1.52
N VAL A 214 -6.78 2.36 -1.08
CA VAL A 214 -5.68 1.95 -1.98
C VAL A 214 -5.48 0.43 -1.69
N ALA A 215 -5.65 -0.33 -2.77
CA ALA A 215 -5.60 -1.83 -2.63
C ALA A 215 -4.15 -2.35 -2.78
N TYR A 216 -3.71 -3.11 -1.74
CA TYR A 216 -2.52 -3.91 -1.88
C TYR A 216 -2.88 -5.38 -1.95
N SER A 217 -1.90 -6.18 -2.37
CA SER A 217 -2.17 -7.56 -2.71
C SER A 217 -3.34 -7.73 -3.65
N ALA A 218 -3.47 -6.82 -4.59
CA ALA A 218 -4.59 -6.77 -5.54
C ALA A 218 -4.47 -7.89 -6.55
N LEU A 219 -3.26 -8.51 -6.68
CA LEU A 219 -3.09 -9.69 -7.61
C LEU A 219 -3.05 -10.97 -6.75
N GLY A 220 -3.33 -10.86 -5.46
CA GLY A 220 -3.39 -12.05 -4.63
C GLY A 220 -2.17 -12.34 -3.75
N SER A 221 -1.26 -11.37 -3.62
CA SER A 221 -0.13 -11.35 -2.71
C SER A 221 1.01 -12.21 -3.26
N GLN A 222 2.18 -12.05 -2.65
CA GLN A 222 3.34 -12.86 -3.04
C GLN A 222 3.37 -14.22 -2.34
N ARG A 223 2.34 -14.48 -1.56
CA ARG A 223 2.16 -15.89 -0.99
C ARG A 223 3.43 -16.31 -0.19
N ASP A 224 3.91 -15.37 0.61
CA ASP A 224 5.12 -15.59 1.46
C ASP A 224 4.77 -16.66 2.51
N LYS A 225 5.55 -17.66 2.55
CA LYS A 225 5.46 -18.68 3.65
C LYS A 225 5.28 -18.22 5.10
N ARG A 226 5.78 -17.06 5.47
CA ARG A 226 5.72 -16.69 6.84
C ARG A 226 4.27 -16.39 7.24
N TRP A 227 3.40 -16.03 6.27
CA TRP A 227 2.10 -15.51 6.71
C TRP A 227 0.95 -16.01 5.91
N VAL A 228 1.25 -16.82 4.86
CA VAL A 228 0.27 -17.27 3.84
C VAL A 228 0.02 -18.79 3.93
N ASP A 229 -1.26 -19.15 3.97
CA ASP A 229 -1.59 -20.57 3.91
C ASP A 229 -1.49 -21.05 2.45
N PRO A 230 -0.61 -22.05 2.16
CA PRO A 230 -0.54 -22.51 0.78
C PRO A 230 -1.82 -23.13 0.29
N ASN A 231 -2.78 -23.52 1.14
CA ASN A 231 -4.05 -24.02 0.63
C ASN A 231 -4.93 -22.92 0.07
N SER A 232 -4.64 -21.69 0.42
CA SER A 232 -5.54 -20.59 0.03
C SER A 232 -5.59 -20.56 -1.51
N PRO A 233 -6.81 -20.47 -2.05
CA PRO A 233 -6.93 -20.45 -3.56
C PRO A 233 -6.07 -19.28 -4.09
N VAL A 234 -5.38 -19.52 -5.23
CA VAL A 234 -4.45 -18.53 -5.84
C VAL A 234 -5.34 -17.59 -6.69
N LEU A 235 -5.31 -16.28 -6.36
CA LEU A 235 -6.36 -15.35 -6.93
C LEU A 235 -6.28 -15.45 -8.45
N LEU A 236 -5.06 -15.38 -9.02
CA LEU A 236 -4.99 -15.26 -10.53
C LEU A 236 -5.37 -16.61 -11.24
N GLU A 237 -5.54 -17.70 -10.47
CA GLU A 237 -6.00 -19.00 -11.07
C GLU A 237 -7.53 -19.09 -10.95
N ASP A 238 -8.22 -18.04 -10.42
CA ASP A 238 -9.69 -18.07 -10.28
C ASP A 238 -10.40 -18.27 -11.66
N PRO A 239 -11.34 -19.21 -11.78
CA PRO A 239 -11.87 -19.46 -13.13
C PRO A 239 -12.72 -18.33 -13.68
N VAL A 240 -13.32 -17.52 -12.80
CA VAL A 240 -14.10 -16.41 -13.28
C VAL A 240 -13.09 -15.35 -13.80
N LEU A 241 -12.03 -15.06 -13.07
CA LEU A 241 -11.00 -14.10 -13.59
C LEU A 241 -10.43 -14.59 -14.84
N CYS A 242 -10.11 -15.90 -14.94
CA CYS A 242 -9.52 -16.40 -16.18
C CYS A 242 -10.55 -16.39 -17.35
N ALA A 243 -11.84 -16.64 -17.08
CA ALA A 243 -12.82 -16.57 -18.16
C ALA A 243 -12.97 -15.15 -18.67
N LEU A 244 -12.91 -14.18 -17.72
CA LEU A 244 -12.97 -12.76 -18.16
C LEU A 244 -11.74 -12.31 -18.90
N ALA A 245 -10.58 -12.78 -18.53
CA ALA A 245 -9.37 -12.54 -19.25
C ALA A 245 -9.53 -13.06 -20.72
N LYS A 246 -10.02 -14.29 -20.85
CA LYS A 246 -10.18 -14.80 -22.25
C LYS A 246 -11.22 -13.97 -23.01
N LYS A 247 -12.30 -13.61 -22.33
CA LYS A 247 -13.39 -12.80 -22.98
C LYS A 247 -12.82 -11.52 -23.55
N HIS A 248 -11.98 -10.85 -22.79
CA HIS A 248 -11.38 -9.58 -23.22
C HIS A 248 -10.02 -9.65 -23.99
N LYS A 249 -9.50 -10.89 -24.11
CA LYS A 249 -8.15 -11.12 -24.55
C LYS A 249 -7.15 -10.21 -23.79
N ARG A 250 -7.29 -10.31 -22.44
CA ARG A 250 -6.33 -9.65 -21.52
C ARG A 250 -5.81 -10.77 -20.65
N THR A 251 -5.48 -10.53 -19.38
CA THR A 251 -4.90 -11.55 -18.50
C THR A 251 -5.62 -11.44 -17.16
N PRO A 252 -5.60 -12.50 -16.35
CA PRO A 252 -6.29 -12.43 -15.10
C PRO A 252 -5.77 -11.28 -14.23
N ALA A 253 -4.44 -10.98 -14.25
CA ALA A 253 -3.96 -9.83 -13.45
C ALA A 253 -4.61 -8.53 -13.97
N LEU A 254 -4.71 -8.34 -15.26
CA LEU A 254 -5.30 -7.06 -15.75
C LEU A 254 -6.77 -6.99 -15.32
N ILE A 255 -7.51 -8.11 -15.33
CA ILE A 255 -8.93 -8.08 -14.89
C ILE A 255 -8.98 -7.63 -13.42
N ALA A 256 -8.09 -8.22 -12.59
CA ALA A 256 -8.12 -7.88 -11.18
C ALA A 256 -7.75 -6.43 -10.89
N LEU A 257 -6.78 -5.87 -11.71
CA LEU A 257 -6.47 -4.42 -11.51
C LEU A 257 -7.57 -3.53 -12.05
N ARG A 258 -8.15 -3.89 -13.19
CA ARG A 258 -9.24 -3.02 -13.75
C ARG A 258 -10.47 -2.98 -12.84
N TYR A 259 -10.78 -4.12 -12.24
CA TYR A 259 -11.88 -4.19 -11.30
C TYR A 259 -11.72 -3.10 -10.24
N GLN A 260 -10.53 -2.95 -9.69
CA GLN A 260 -10.40 -1.90 -8.66
C GLN A 260 -10.62 -0.50 -9.17
N LEU A 261 -10.03 -0.22 -10.32
CA LEU A 261 -10.17 1.17 -10.86
C LEU A 261 -11.63 1.51 -11.07
N GLN A 262 -12.43 0.53 -11.53
CA GLN A 262 -13.84 0.80 -11.79
C GLN A 262 -14.68 0.95 -10.54
N ARG A 263 -14.16 0.58 -9.36
CA ARG A 263 -14.89 0.76 -8.11
C ARG A 263 -14.42 2.08 -7.43
N GLY A 264 -13.53 2.78 -8.11
CA GLY A 264 -12.93 3.97 -7.43
C GLY A 264 -11.85 3.69 -6.41
N VAL A 265 -11.20 2.56 -6.55
CA VAL A 265 -10.05 2.13 -5.69
C VAL A 265 -8.78 2.38 -6.46
N VAL A 266 -7.82 3.02 -5.80
CA VAL A 266 -6.48 3.14 -6.37
C VAL A 266 -5.78 1.81 -6.13
N VAL A 267 -5.07 1.32 -7.14
CA VAL A 267 -4.54 -0.08 -7.10
C VAL A 267 -3.06 -0.14 -7.24
N LEU A 268 -2.46 -0.90 -6.32
CA LEU A 268 -1.00 -1.22 -6.45
C LEU A 268 -0.79 -2.53 -7.20
N ALA A 269 0.39 -2.64 -7.83
CA ALA A 269 0.76 -3.92 -8.43
C ALA A 269 2.28 -4.09 -8.30
N LYS A 270 2.69 -5.19 -7.65
CA LYS A 270 4.13 -5.49 -7.63
C LYS A 270 4.42 -6.45 -8.76
N SER A 271 5.50 -6.17 -9.50
CA SER A 271 6.14 -7.22 -10.36
C SER A 271 7.59 -6.90 -10.44
N TYR A 272 8.39 -7.95 -10.32
CA TYR A 272 9.85 -7.78 -10.57
C TYR A 272 10.25 -8.37 -11.94
N ASN A 273 9.23 -8.61 -12.77
CA ASN A 273 9.48 -9.13 -14.11
C ASN A 273 9.22 -8.10 -15.17
N GLU A 274 10.19 -7.86 -16.07
CA GLU A 274 10.05 -6.75 -17.04
C GLU A 274 8.77 -6.83 -17.87
N GLN A 275 8.43 -8.04 -18.33
CA GLN A 275 7.23 -8.16 -19.18
C GLN A 275 5.95 -7.91 -18.41
N ARG A 276 5.90 -8.37 -17.15
CA ARG A 276 4.66 -8.19 -16.34
C ARG A 276 4.53 -6.74 -15.92
N ILE A 277 5.68 -6.08 -15.62
CA ILE A 277 5.60 -4.63 -15.32
C ILE A 277 4.95 -3.89 -16.47
N ARG A 278 5.42 -4.17 -17.73
CA ARG A 278 4.90 -3.43 -18.84
C ARG A 278 3.46 -3.86 -19.12
N GLN A 279 3.13 -5.12 -18.88
CA GLN A 279 1.73 -5.53 -19.02
C GLN A 279 0.75 -4.76 -18.16
N ASN A 280 1.24 -4.52 -16.91
CA ASN A 280 0.22 -4.06 -15.93
C ASN A 280 -0.27 -2.66 -16.21
N VAL A 281 0.54 -1.89 -16.97
CA VAL A 281 0.03 -0.55 -17.32
C VAL A 281 -1.08 -0.59 -18.40
N GLN A 282 -1.30 -1.75 -19.04
CA GLN A 282 -2.40 -1.92 -19.97
C GLN A 282 -3.77 -1.91 -19.21
N VAL A 283 -3.79 -1.73 -17.87
CA VAL A 283 -5.11 -1.61 -17.21
C VAL A 283 -5.88 -0.42 -17.72
N PHE A 284 -5.16 0.60 -18.25
CA PHE A 284 -5.91 1.77 -18.78
C PHE A 284 -6.40 1.58 -20.22
N GLU A 285 -6.21 0.41 -20.80
CA GLU A 285 -6.52 0.24 -22.25
C GLU A 285 -7.82 -0.49 -22.53
N PHE A 286 -8.53 -0.95 -21.51
CA PHE A 286 -9.74 -1.68 -21.69
C PHE A 286 -10.69 -1.45 -20.53
N GLN A 287 -11.95 -1.87 -20.65
CA GLN A 287 -13.01 -1.70 -19.65
C GLN A 287 -13.75 -2.98 -19.40
N LEU A 288 -14.22 -3.14 -18.15
CA LEU A 288 -15.11 -4.22 -17.80
C LEU A 288 -16.54 -3.74 -17.88
N THR A 289 -17.43 -4.59 -18.32
CA THR A 289 -18.84 -4.24 -18.29
C THR A 289 -19.48 -4.44 -16.91
N ALA A 290 -20.72 -3.92 -16.75
CA ALA A 290 -21.40 -4.14 -15.45
C ALA A 290 -21.58 -5.64 -15.13
N GLU A 291 -21.85 -6.47 -16.16
CA GLU A 291 -22.00 -7.90 -15.88
C GLU A 291 -20.65 -8.49 -15.46
N ASP A 292 -19.58 -8.01 -16.10
CA ASP A 292 -18.26 -8.48 -15.68
C ASP A 292 -18.01 -8.11 -14.20
N MET A 293 -18.30 -6.85 -13.83
CA MET A 293 -18.08 -6.44 -12.44
C MET A 293 -18.94 -7.20 -11.44
N LYS A 294 -20.15 -7.56 -11.87
CA LYS A 294 -21.03 -8.32 -10.99
C LYS A 294 -20.39 -9.74 -10.78
N ALA A 295 -19.93 -10.36 -11.84
CA ALA A 295 -19.24 -11.65 -11.75
C ALA A 295 -18.07 -11.58 -10.76
N ILE A 296 -17.27 -10.49 -10.84
CA ILE A 296 -16.11 -10.43 -9.96
C ILE A 296 -16.56 -10.19 -8.53
N ASP A 297 -17.60 -9.36 -8.30
CA ASP A 297 -18.14 -9.13 -6.91
C ASP A 297 -18.56 -10.47 -6.29
N GLY A 298 -19.00 -11.43 -7.14
CA GLY A 298 -19.40 -12.76 -6.63
C GLY A 298 -18.33 -13.60 -6.05
N LEU A 299 -17.09 -13.21 -6.24
CA LEU A 299 -15.93 -13.99 -5.76
C LEU A 299 -15.61 -13.72 -4.32
N ASP A 300 -16.14 -12.67 -3.73
CA ASP A 300 -15.74 -12.26 -2.37
C ASP A 300 -15.89 -13.42 -1.35
N ARG A 301 -14.85 -13.64 -0.61
CA ARG A 301 -14.88 -14.79 0.30
C ARG A 301 -14.20 -14.46 1.61
N ASN A 302 -14.01 -13.16 1.86
CA ASN A 302 -13.44 -12.67 3.14
C ASN A 302 -12.03 -13.31 3.38
N LEU A 303 -11.23 -13.49 2.34
CA LEU A 303 -9.93 -14.16 2.37
C LEU A 303 -8.86 -13.11 2.37
N HIS A 304 -8.26 -12.88 3.54
CA HIS A 304 -7.07 -12.07 3.55
C HIS A 304 -5.93 -13.03 3.56
N TYR A 305 -5.03 -12.89 2.59
CA TYR A 305 -3.84 -13.73 2.51
C TYR A 305 -2.91 -13.56 3.67
N PHE A 306 -2.78 -12.37 4.23
CA PHE A 306 -1.99 -12.21 5.49
C PHE A 306 -2.88 -12.72 6.60
N ASN A 307 -2.52 -13.92 7.07
CA ASN A 307 -3.42 -14.62 7.94
C ASN A 307 -2.60 -15.52 8.91
N SER A 308 -2.12 -14.89 9.94
CA SER A 308 -1.19 -15.58 10.86
C SER A 308 -1.59 -15.29 12.30
N ASP A 309 -1.37 -16.29 13.10
CA ASP A 309 -1.48 -16.16 14.52
C ASP A 309 -0.72 -14.94 15.05
N SER A 310 0.45 -14.70 14.45
CA SER A 310 1.32 -13.56 14.90
C SER A 310 0.53 -12.22 14.78
N PHE A 311 -0.26 -12.05 13.77
CA PHE A 311 -1.01 -10.81 13.61
C PHE A 311 -2.29 -10.91 14.47
N ALA A 312 -3.01 -12.07 14.37
CA ALA A 312 -4.35 -12.19 14.93
C ALA A 312 -4.35 -12.04 16.43
N SER A 313 -3.27 -12.32 17.11
CA SER A 313 -3.25 -12.20 18.57
C SER A 313 -3.03 -10.76 18.98
N HIS A 314 -2.71 -9.85 18.02
CA HIS A 314 -2.42 -8.47 18.49
C HIS A 314 -3.71 -7.69 18.85
N PRO A 315 -3.72 -6.91 19.96
CA PRO A 315 -4.94 -6.23 20.39
C PRO A 315 -5.52 -5.26 19.41
N ASN A 316 -4.71 -4.72 18.48
CA ASN A 316 -5.24 -3.85 17.44
C ASN A 316 -5.26 -4.50 16.05
N TYR A 317 -5.28 -5.83 16.02
CA TYR A 317 -5.51 -6.50 14.76
C TYR A 317 -6.80 -6.00 14.13
N PRO A 318 -6.75 -5.59 12.84
CA PRO A 318 -7.92 -4.92 12.32
C PRO A 318 -9.06 -5.83 11.86
N TYR A 319 -8.81 -7.14 11.71
CA TYR A 319 -9.83 -8.04 11.10
C TYR A 319 -10.65 -8.75 12.24
N SER A 320 -11.92 -8.94 11.97
CA SER A 320 -12.88 -9.45 12.97
C SER A 320 -14.14 -10.05 12.37
PA NAP B . 0.68 -8.18 -5.70
O1A NAP B . -0.58 -8.75 -5.14
O2A NAP B . 0.66 -6.82 -6.36
O5B NAP B . 1.40 -9.19 -6.77
C5B NAP B . 1.44 -10.59 -6.46
C4B NAP B . 2.29 -11.23 -7.53
O4B NAP B . 1.67 -11.02 -8.81
C3B NAP B . 3.71 -10.65 -7.61
O3B NAP B . 4.65 -11.34 -6.78
C2B NAP B . 3.99 -10.79 -9.12
O2B NAP B . 5.04 -11.73 -9.42
C1B NAP B . 2.66 -11.22 -9.77
N9A NAP B . 2.25 -10.49 -10.95
C8A NAP B . 2.40 -9.09 -11.09
N7A NAP B . 1.89 -8.76 -12.26
C5A NAP B . 1.43 -9.96 -12.86
C6A NAP B . 0.87 -10.23 -14.12
N6A NAP B . 0.59 -9.24 -15.03
N1A NAP B . 0.54 -11.50 -14.42
C2A NAP B . 0.84 -12.42 -13.51
N3A NAP B . 1.38 -12.33 -12.29
C4A NAP B . 1.65 -11.04 -12.05
O3 NAP B . 1.84 -8.18 -4.56
PN NAP B . 2.00 -7.52 -3.09
O1N NAP B . 1.30 -8.37 -2.07
O2N NAP B . 3.44 -7.28 -2.91
O5D NAP B . 1.20 -6.11 -3.19
C5D NAP B . 1.71 -5.02 -4.01
C4D NAP B . 2.46 -3.99 -3.16
O4D NAP B . 1.55 -3.47 -2.18
C3D NAP B . 3.65 -4.40 -2.27
O3D NAP B . 4.80 -4.57 -3.14
C2D NAP B . 3.78 -3.20 -1.38
O2D NAP B . 4.29 -2.08 -2.10
C1D NAP B . 2.28 -2.97 -1.05
N1N NAP B . 1.84 -3.80 0.12
C2N NAP B . 1.57 -3.11 1.25
C3N NAP B . 1.18 -3.76 2.43
C7N NAP B . 0.82 -3.02 3.68
O7N NAP B . 0.72 -3.65 4.75
N7N NAP B . 0.52 -1.69 3.55
C4N NAP B . 1.08 -5.13 2.42
C5N NAP B . 1.32 -5.85 1.25
C6N NAP B . 1.69 -5.14 0.10
P2B NAP B . 6.30 -11.21 -10.34
O1X NAP B . 7.09 -10.29 -9.49
O2X NAP B . 7.07 -12.56 -10.59
O3X NAP B . 5.74 -10.63 -11.60
C29 WDS C . 3.07 -9.55 14.31
C31 WDS C . 2.08 -8.64 14.66
C4 WDS C . 2.02 -6.78 6.78
C9 WDS C . 0.83 -6.19 7.15
C24 WDS C . 4.16 -9.13 13.53
C6 WDS C . 1.56 -6.25 9.48
C30 WDS C . 2.16 -7.35 14.21
C1 WDS C . 3.00 -7.10 7.74
C11 WDS C . 0.59 -5.96 8.52
C2 WDS C . 2.77 -6.80 9.08
C20 WDS C . 4.17 -7.80 13.12
C3 WDS C . 4.33 -7.77 7.38
C10 WDS C . 4.79 -7.70 9.69
C14 WDS C . -0.73 -5.51 8.90
C26 WDS C . -2.84 -8.55 8.64
C27 WDS C . -3.74 -7.56 9.31
C21 WDS C . -1.52 -7.89 8.27
C22 WDS C . -3.11 -6.23 9.01
C28 WDS C . 10.52 -9.05 5.50
C16 WDS C . 5.27 -7.12 12.32
C23 WDS C . 9.90 -8.44 6.76
C19 WDS C . 8.67 -9.18 7.30
C15 WDS C . 7.41 -8.32 7.17
C12 WDS C . 6.47 -8.65 8.29
N25 WDS C . 3.21 -6.92 13.45
N5 WDS C . 3.68 -7.15 10.07
N7 WDS C . 5.17 -7.99 8.44
N17 WDS C . -1.70 -6.49 8.64
O8 WDS C . 4.63 -8.08 6.22
O18 WDS C . -1.04 -4.49 9.50
S13 WDS C . 5.95 -8.07 10.96
#